data_3SP5
#
_entry.id   3SP5
#
_cell.length_a   81.800
_cell.length_b   111.560
_cell.length_c   62.400
_cell.angle_alpha   90.00
_cell.angle_beta   90.00
_cell.angle_gamma   90.00
#
_symmetry.space_group_name_H-M   'C 2 2 21'
#
loop_
_entity.id
_entity.type
_entity.pdbx_description
1 polymer '14-3-3 protein sigma'
2 polymer 'TASK-3 peptide'
3 non-polymer Cotylenol
4 non-polymer 'MAGNESIUM ION'
5 water water
#
loop_
_entity_poly.entity_id
_entity_poly.type
_entity_poly.pdbx_seq_one_letter_code
_entity_poly.pdbx_strand_id
1 'polypeptide(L)'
;AMGSMERASLIQKAKLAEQAERYEDMAAFMKGAVEKGEELSVEERNLLSVAYKNVVGGQRAAWRVLSSIEQKSNEEGSEE
KGPEVREYREKVETELQGVCDTVLGLLDSHLIKEAGDAESRVFYLKMKGDYYRYLAEVATGDDKKRIIDSARSAYQEAMD
ISKKEMPPTHPIRLGLALNFSVFHYEIANSPEEAISLAKTTFDEAMADLHTLSEDSYKDSTLIMQLLRDNLTLWT
;
A
2 'polypeptide(L)' KRRK(SEP)V P
#
loop_
_chem_comp.id
_chem_comp.type
_chem_comp.name
_chem_comp.formula
CX7 non-polymer Cotylenol 'C21 H34 O4'
MG non-polymer 'MAGNESIUM ION' 'Mg 2'
#
# COMPACT_ATOMS: atom_id res chain seq x y z
N ALA A 1 7.92 -23.16 -9.28
CA ALA A 1 6.87 -23.09 -8.17
C ALA A 1 5.48 -22.93 -8.83
N MET A 2 5.28 -21.77 -9.44
CA MET A 2 4.20 -21.61 -10.41
C MET A 2 4.84 -21.64 -11.75
N GLY A 3 6.09 -22.09 -11.75
CA GLY A 3 6.90 -22.06 -12.98
C GLY A 3 6.35 -22.89 -14.12
N SER A 4 5.60 -23.96 -13.82
CA SER A 4 5.12 -24.77 -14.94
C SER A 4 3.72 -24.35 -15.45
N MET A 5 3.08 -23.36 -14.81
CA MET A 5 1.76 -22.96 -15.29
C MET A 5 1.87 -21.78 -16.26
N GLU A 6 1.07 -21.80 -17.31
CA GLU A 6 1.02 -20.70 -18.26
C GLU A 6 0.67 -19.37 -17.57
N ARG A 7 1.29 -18.30 -18.06
CA ARG A 7 0.98 -16.96 -17.51
C ARG A 7 -0.50 -16.68 -17.58
N ALA A 8 -1.16 -16.96 -18.73
CA ALA A 8 -2.59 -16.64 -18.75
C ALA A 8 -3.42 -17.46 -17.75
N SER A 9 -3.01 -18.71 -17.50
N SER A 9 -3.04 -18.70 -17.50
CA SER A 9 -3.69 -19.58 -16.54
CA SER A 9 -3.79 -19.53 -16.55
C SER A 9 -3.55 -19.03 -15.14
C SER A 9 -3.56 -19.02 -15.13
N LEU A 10 -2.35 -18.55 -14.83
CA LEU A 10 -2.09 -17.89 -13.52
C LEU A 10 -2.99 -16.70 -13.36
N ILE A 11 -3.11 -15.90 -14.41
N ILE A 11 -3.13 -15.91 -14.40
CA ILE A 11 -3.97 -14.74 -14.33
CA ILE A 11 -3.98 -14.75 -14.25
C ILE A 11 -5.43 -15.17 -14.14
C ILE A 11 -5.45 -15.14 -14.15
N GLN A 12 -5.87 -16.14 -14.92
CA GLN A 12 -7.27 -16.61 -14.81
CA GLN A 12 -7.26 -16.60 -14.81
C GLN A 12 -7.51 -17.11 -13.40
N LYS A 13 -6.55 -17.91 -12.89
CA LYS A 13 -6.67 -18.43 -11.50
C LYS A 13 -6.65 -17.36 -10.45
N ALA A 14 -5.85 -16.31 -10.65
CA ALA A 14 -5.84 -15.24 -9.66
C ALA A 14 -7.24 -14.62 -9.61
N LYS A 15 -7.91 -14.46 -10.77
CA LYS A 15 -9.24 -13.88 -10.76
C LYS A 15 -10.24 -14.78 -10.08
N LEU A 16 -10.08 -16.08 -10.25
CA LEU A 16 -10.98 -17.04 -9.57
C LEU A 16 -10.73 -17.03 -8.06
N ALA A 17 -9.46 -16.92 -7.65
CA ALA A 17 -9.12 -16.91 -6.23
C ALA A 17 -9.71 -15.68 -5.61
N GLU A 18 -9.64 -14.53 -6.31
CA GLU A 18 -10.29 -13.33 -5.78
C GLU A 18 -11.81 -13.57 -5.57
N GLN A 19 -12.46 -14.13 -6.55
CA GLN A 19 -13.92 -14.41 -6.42
C GLN A 19 -14.18 -15.31 -5.24
N ALA A 20 -13.28 -16.26 -4.98
CA ALA A 20 -13.43 -17.18 -3.89
C ALA A 20 -12.91 -16.65 -2.55
N GLU A 21 -12.46 -15.41 -2.56
CA GLU A 21 -11.77 -14.75 -1.40
C GLU A 21 -10.61 -15.55 -0.87
N ARG A 22 -9.84 -16.17 -1.75
CA ARG A 22 -8.68 -16.93 -1.43
C ARG A 22 -7.47 -16.08 -1.73
N TYR A 23 -7.18 -15.12 -0.85
CA TYR A 23 -6.22 -14.08 -1.26
C TYR A 23 -4.80 -14.59 -1.22
N GLU A 24 -4.47 -15.54 -0.34
CA GLU A 24 -3.12 -16.13 -0.36
CA GLU A 24 -3.13 -16.15 -0.36
C GLU A 24 -2.87 -16.81 -1.73
N ASP A 25 -3.85 -17.58 -2.18
CA ASP A 25 -3.72 -18.25 -3.49
C ASP A 25 -3.61 -17.16 -4.57
N MET A 26 -4.48 -16.18 -4.45
CA MET A 26 -4.44 -15.09 -5.45
CA MET A 26 -4.45 -15.09 -5.44
C MET A 26 -3.04 -14.49 -5.56
N ALA A 27 -2.43 -14.19 -4.40
CA ALA A 27 -1.09 -13.62 -4.39
C ALA A 27 -0.04 -14.53 -4.96
N ALA A 28 -0.11 -15.82 -4.66
CA ALA A 28 0.86 -16.75 -5.22
C ALA A 28 0.66 -16.86 -6.72
N PHE A 29 -0.58 -16.87 -7.20
CA PHE A 29 -0.80 -16.91 -8.67
C PHE A 29 -0.23 -15.66 -9.28
N MET A 30 -0.53 -14.51 -8.70
CA MET A 30 0.12 -13.25 -9.25
C MET A 30 1.63 -13.15 -9.18
N LYS A 31 2.23 -13.66 -8.10
CA LYS A 31 3.66 -13.76 -8.00
C LYS A 31 4.14 -14.61 -9.17
N GLY A 32 3.51 -15.77 -9.42
CA GLY A 32 3.96 -16.58 -10.55
C GLY A 32 3.86 -15.85 -11.86
N ALA A 33 2.75 -15.10 -12.06
CA ALA A 33 2.65 -14.32 -13.28
C ALA A 33 3.75 -13.28 -13.40
N VAL A 34 4.01 -12.53 -12.33
CA VAL A 34 5.13 -11.57 -12.42
C VAL A 34 6.41 -12.27 -12.78
N GLU A 35 6.68 -13.41 -12.17
CA GLU A 35 7.91 -14.19 -12.41
C GLU A 35 8.07 -14.71 -13.85
N LYS A 36 7.02 -14.62 -14.66
CA LYS A 36 7.16 -14.97 -16.04
C LYS A 36 8.01 -13.96 -16.78
N GLY A 37 8.18 -12.75 -16.19
CA GLY A 37 9.14 -11.80 -16.71
C GLY A 37 8.60 -10.76 -17.67
N GLU A 38 7.37 -10.90 -18.12
CA GLU A 38 6.70 -9.92 -18.95
C GLU A 38 6.10 -8.81 -18.07
N GLU A 39 6.01 -7.61 -18.63
CA GLU A 39 5.39 -6.51 -17.88
C GLU A 39 3.92 -6.87 -17.61
N LEU A 40 3.35 -6.24 -16.61
N LEU A 40 3.35 -6.25 -16.59
CA LEU A 40 1.95 -6.48 -16.25
CA LEU A 40 1.95 -6.47 -16.24
C LEU A 40 1.10 -5.42 -16.93
C LEU A 40 1.11 -5.42 -16.92
N SER A 41 -0.08 -5.81 -17.37
CA SER A 41 -1.09 -4.84 -17.80
C SER A 41 -1.69 -4.08 -16.62
N VAL A 42 -2.50 -3.05 -16.89
CA VAL A 42 -3.17 -2.35 -15.82
C VAL A 42 -3.99 -3.26 -14.96
N GLU A 43 -4.80 -4.10 -15.60
CA GLU A 43 -5.68 -4.97 -14.83
C GLU A 43 -4.82 -5.96 -14.00
N GLU A 44 -3.72 -6.43 -14.59
CA GLU A 44 -2.89 -7.41 -13.89
C GLU A 44 -2.18 -6.73 -12.71
N ARG A 45 -1.73 -5.48 -12.88
CA ARG A 45 -1.09 -4.84 -11.73
C ARG A 45 -2.13 -4.66 -10.66
N ASN A 46 -3.37 -4.35 -11.03
CA ASN A 46 -4.41 -4.24 -9.98
C ASN A 46 -4.57 -5.55 -9.19
N LEU A 47 -4.63 -6.67 -9.91
CA LEU A 47 -4.76 -7.98 -9.28
C LEU A 47 -3.61 -8.23 -8.33
N LEU A 48 -2.41 -7.90 -8.76
CA LEU A 48 -1.22 -8.12 -7.92
C LEU A 48 -1.35 -7.31 -6.62
N SER A 49 -1.72 -6.03 -6.77
CA SER A 49 -1.84 -5.18 -5.59
C SER A 49 -2.95 -5.62 -4.67
N VAL A 50 -4.11 -5.99 -5.22
CA VAL A 50 -5.25 -6.46 -4.39
C VAL A 50 -4.88 -7.72 -3.59
N ALA A 51 -4.18 -8.62 -4.27
CA ALA A 51 -3.90 -9.92 -3.63
C ALA A 51 -3.03 -9.69 -2.42
N TYR A 52 -1.91 -9.01 -2.61
CA TYR A 52 -0.99 -8.78 -1.48
C TYR A 52 -1.56 -7.83 -0.44
N LYS A 53 -2.32 -6.83 -0.86
CA LYS A 53 -2.88 -5.87 0.12
C LYS A 53 -3.81 -6.61 1.07
N ASN A 54 -4.57 -7.56 0.55
CA ASN A 54 -5.43 -8.38 1.41
CA ASN A 54 -5.44 -8.35 1.38
C ASN A 54 -4.68 -9.31 2.29
N VAL A 55 -3.67 -10.00 1.75
CA VAL A 55 -2.86 -10.91 2.58
C VAL A 55 -2.24 -10.09 3.73
N VAL A 56 -1.55 -9.00 3.39
CA VAL A 56 -0.84 -8.27 4.42
C VAL A 56 -1.82 -7.56 5.33
N GLY A 57 -3.00 -7.16 4.80
CA GLY A 57 -3.94 -6.53 5.69
C GLY A 57 -4.47 -7.48 6.76
N GLY A 58 -4.64 -8.76 6.41
CA GLY A 58 -4.96 -9.77 7.45
C GLY A 58 -3.84 -9.93 8.51
N GLN A 59 -2.58 -9.96 8.05
CA GLN A 59 -1.48 -10.14 8.97
C GLN A 59 -1.34 -8.88 9.83
N ARG A 60 -1.52 -7.70 9.24
CA ARG A 60 -1.36 -6.47 10.04
C ARG A 60 -2.43 -6.39 11.10
N ALA A 61 -3.66 -6.73 10.75
CA ALA A 61 -4.74 -6.67 11.74
C ALA A 61 -4.47 -7.66 12.87
N ALA A 62 -3.96 -8.82 12.53
CA ALA A 62 -3.64 -9.82 13.60
C ALA A 62 -2.50 -9.33 14.45
N TRP A 63 -1.49 -8.72 13.81
CA TRP A 63 -0.37 -8.21 14.58
C TRP A 63 -0.84 -7.14 15.55
N ARG A 64 -1.78 -6.29 15.12
CA ARG A 64 -2.22 -5.24 16.02
C ARG A 64 -2.96 -5.84 17.22
N VAL A 65 -3.78 -6.83 16.97
CA VAL A 65 -4.48 -7.50 18.09
C VAL A 65 -3.43 -8.02 19.04
N LEU A 66 -2.45 -8.78 18.53
CA LEU A 66 -1.42 -9.41 19.40
C LEU A 66 -0.53 -8.37 20.11
N SER A 67 -0.14 -7.32 19.38
CA SER A 67 0.62 -6.19 19.98
CA SER A 67 0.63 -6.23 20.00
C SER A 67 -0.10 -5.56 21.15
N SER A 68 -1.39 -5.36 21.00
CA SER A 68 -2.14 -4.71 22.06
CA SER A 68 -2.15 -4.71 22.04
C SER A 68 -2.22 -5.63 23.26
N ILE A 69 -2.39 -6.93 23.01
CA ILE A 69 -2.33 -7.88 24.16
C ILE A 69 -0.98 -7.84 24.86
N GLU A 70 0.08 -7.76 24.07
CA GLU A 70 1.42 -7.88 24.60
C GLU A 70 1.66 -6.63 25.45
N GLN A 71 1.26 -5.48 24.93
CA GLN A 71 1.39 -4.22 25.71
C GLN A 71 0.61 -4.27 27.04
N LYS A 72 -0.62 -4.72 26.99
CA LYS A 72 -1.38 -4.89 28.24
C LYS A 72 -0.68 -5.84 29.23
N SER A 73 -0.03 -6.88 28.72
CA SER A 73 0.70 -7.81 29.61
C SER A 73 1.92 -7.15 30.25
N ASN A 74 2.37 -6.04 29.68
CA ASN A 74 3.54 -5.34 30.20
C ASN A 74 3.19 -4.13 31.12
N GLU A 75 1.91 -3.90 31.39
CA GLU A 75 1.51 -2.79 32.29
C GLU A 75 1.64 -3.19 33.76
N GLU A 76 1.75 -2.21 34.65
CA GLU A 76 1.83 -2.49 36.11
C GLU A 76 0.59 -3.30 36.58
N GLY A 77 0.85 -4.32 37.42
CA GLY A 77 -0.21 -5.17 37.98
C GLY A 77 -0.66 -6.32 37.08
N SER A 78 0.00 -6.49 35.94
CA SER A 78 -0.38 -7.59 35.02
C SER A 78 0.38 -8.87 35.42
N GLU A 79 -0.33 -10.01 35.45
CA GLU A 79 0.33 -11.28 35.78
C GLU A 79 1.30 -11.63 34.69
N GLU A 80 2.48 -12.14 35.08
CA GLU A 80 3.38 -12.70 34.07
C GLU A 80 2.70 -13.92 33.50
N LYS A 81 2.58 -13.96 32.18
CA LYS A 81 1.97 -15.13 31.56
C LYS A 81 3.00 -15.92 30.75
N GLY A 82 4.26 -15.44 30.80
CA GLY A 82 5.37 -16.13 30.15
C GLY A 82 5.57 -15.57 28.77
N PRO A 83 6.36 -16.25 27.96
CA PRO A 83 6.79 -15.67 26.69
C PRO A 83 5.78 -15.79 25.53
N GLU A 84 4.61 -16.42 25.78
CA GLU A 84 3.83 -16.90 24.63
C GLU A 84 3.32 -15.74 23.77
N VAL A 85 2.86 -14.68 24.42
CA VAL A 85 2.26 -13.58 23.63
C VAL A 85 3.31 -12.97 22.74
N ARG A 86 4.46 -12.68 23.34
CA ARG A 86 5.60 -12.16 22.56
C ARG A 86 6.00 -13.12 21.48
N GLU A 87 6.14 -14.42 21.79
CA GLU A 87 6.53 -15.34 20.73
C GLU A 87 5.56 -15.37 19.55
N TYR A 88 4.29 -15.37 19.88
CA TYR A 88 3.30 -15.48 18.82
C TYR A 88 3.15 -14.16 18.04
N ARG A 89 3.26 -13.02 18.74
CA ARG A 89 3.33 -11.74 17.99
C ARG A 89 4.56 -11.75 17.08
N GLU A 90 5.71 -12.23 17.55
CA GLU A 90 6.90 -12.36 16.71
C GLU A 90 6.68 -13.27 15.50
N LYS A 91 5.99 -14.38 15.69
CA LYS A 91 5.73 -15.32 14.63
C LYS A 91 4.91 -14.60 13.51
N VAL A 92 3.85 -13.89 13.92
CA VAL A 92 2.99 -13.20 12.99
C VAL A 92 3.78 -12.07 12.33
N GLU A 93 4.59 -11.38 13.15
CA GLU A 93 5.44 -10.34 12.63
C GLU A 93 6.40 -10.83 11.57
N THR A 94 7.05 -11.98 11.83
CA THR A 94 7.99 -12.53 10.88
C THR A 94 7.31 -12.91 9.58
N GLU A 95 6.08 -13.43 9.65
CA GLU A 95 5.36 -13.86 8.47
CA GLU A 95 5.38 -13.85 8.45
C GLU A 95 5.01 -12.62 7.65
N LEU A 96 4.55 -11.60 8.35
CA LEU A 96 4.19 -10.34 7.70
CA LEU A 96 4.20 -10.32 7.75
C LEU A 96 5.41 -9.73 7.04
N GLN A 97 6.55 -9.71 7.75
CA GLN A 97 7.76 -9.20 7.11
C GLN A 97 8.13 -10.00 5.90
N GLY A 98 7.93 -11.30 5.94
CA GLY A 98 8.27 -12.09 4.76
C GLY A 98 7.43 -11.77 3.54
N VAL A 99 6.16 -11.51 3.76
CA VAL A 99 5.27 -11.07 2.68
C VAL A 99 5.69 -9.70 2.14
N CYS A 100 6.01 -8.77 3.02
CA CYS A 100 6.52 -7.47 2.56
C CYS A 100 7.76 -7.71 1.73
N ASP A 101 8.65 -8.58 2.19
CA ASP A 101 9.90 -8.76 1.49
C ASP A 101 9.67 -9.40 0.13
N THR A 102 8.70 -10.31 0.06
CA THR A 102 8.37 -10.96 -1.21
C THR A 102 7.89 -9.90 -2.20
N VAL A 103 7.00 -9.01 -1.77
CA VAL A 103 6.46 -7.98 -2.69
C VAL A 103 7.56 -7.04 -3.08
N LEU A 104 8.38 -6.62 -2.12
CA LEU A 104 9.44 -5.73 -2.44
C LEU A 104 10.43 -6.35 -3.41
N GLY A 105 10.66 -7.63 -3.24
CA GLY A 105 11.47 -8.33 -4.21
C GLY A 105 10.93 -8.39 -5.60
N LEU A 106 9.60 -8.54 -5.74
CA LEU A 106 8.98 -8.60 -7.05
C LEU A 106 9.14 -7.21 -7.67
N LEU A 107 8.91 -6.18 -6.87
CA LEU A 107 9.08 -4.81 -7.39
CA LEU A 107 9.09 -4.80 -7.41
C LEU A 107 10.51 -4.54 -7.83
N ASP A 108 11.47 -5.03 -7.07
CA ASP A 108 12.86 -4.80 -7.45
C ASP A 108 13.38 -5.76 -8.54
N SER A 109 12.81 -6.94 -8.65
CA SER A 109 13.16 -7.91 -9.65
C SER A 109 11.94 -8.40 -10.50
N HIS A 110 11.46 -7.66 -11.51
CA HIS A 110 12.08 -6.48 -12.11
C HIS A 110 10.98 -5.51 -12.52
N LEU A 111 9.91 -5.44 -11.74
CA LEU A 111 8.76 -4.59 -12.10
C LEU A 111 9.09 -3.14 -12.26
N ILE A 112 9.78 -2.57 -11.27
CA ILE A 112 10.03 -1.10 -11.31
C ILE A 112 10.94 -0.79 -12.46
N LYS A 113 12.02 -1.57 -12.59
CA LYS A 113 12.96 -1.16 -13.64
C LYS A 113 12.41 -1.20 -15.07
N GLU A 114 11.42 -2.07 -15.33
CA GLU A 114 10.87 -2.13 -16.66
C GLU A 114 9.63 -1.24 -16.82
N ALA A 115 9.19 -0.54 -15.76
CA ALA A 115 7.96 0.24 -15.87
C ALA A 115 8.30 1.66 -16.39
N GLY A 116 7.96 1.92 -17.63
CA GLY A 116 8.27 3.22 -18.30
C GLY A 116 7.14 4.24 -18.34
N ASP A 117 5.90 3.77 -18.39
CA ASP A 117 4.78 4.69 -18.40
C ASP A 117 4.52 5.21 -17.02
N ALA A 118 4.16 6.49 -16.90
CA ALA A 118 3.76 7.02 -15.56
C ALA A 118 2.82 6.11 -14.79
N GLU A 119 1.75 5.57 -15.41
CA GLU A 119 0.74 4.83 -14.65
C GLU A 119 1.32 3.56 -14.06
N SER A 120 2.30 2.98 -14.74
CA SER A 120 2.94 1.79 -14.23
CA SER A 120 2.88 1.78 -14.17
C SER A 120 3.92 2.16 -13.15
N ARG A 121 4.77 3.13 -13.48
CA ARG A 121 5.89 3.47 -12.59
C ARG A 121 5.39 3.99 -11.23
N VAL A 122 4.37 4.86 -11.27
CA VAL A 122 3.85 5.42 -10.02
C VAL A 122 3.16 4.33 -9.23
N PHE A 123 2.40 3.49 -9.92
CA PHE A 123 1.71 2.37 -9.22
C PHE A 123 2.74 1.54 -8.43
N TYR A 124 3.81 1.07 -9.09
CA TYR A 124 4.77 0.20 -8.43
C TYR A 124 5.53 0.96 -7.35
N LEU A 125 5.83 2.26 -7.53
CA LEU A 125 6.52 2.96 -6.49
C LEU A 125 5.59 3.17 -5.28
N LYS A 126 4.30 3.43 -5.51
CA LYS A 126 3.37 3.51 -4.42
C LYS A 126 3.39 2.15 -3.67
N MET A 127 3.33 1.04 -4.40
CA MET A 127 3.44 -0.29 -3.72
C MET A 127 4.72 -0.38 -2.92
N LYS A 128 5.84 0.05 -3.48
CA LYS A 128 7.09 0.02 -2.75
C LYS A 128 6.98 0.82 -1.46
N GLY A 129 6.44 2.02 -1.53
CA GLY A 129 6.23 2.81 -0.28
C GLY A 129 5.31 2.09 0.69
N ASP A 130 4.21 1.51 0.19
CA ASP A 130 3.24 0.87 1.07
C ASP A 130 3.94 -0.30 1.79
N TYR A 131 4.70 -1.13 1.08
CA TYR A 131 5.23 -2.33 1.79
C TYR A 131 6.41 -1.93 2.71
N TYR A 132 7.17 -0.89 2.38
CA TYR A 132 8.12 -0.42 3.40
C TYR A 132 7.38 0.20 4.56
N ARG A 133 6.27 0.91 4.30
CA ARG A 133 5.49 1.39 5.41
C ARG A 133 4.98 0.24 6.31
N TYR A 134 4.53 -0.87 5.74
CA TYR A 134 4.06 -1.98 6.63
C TYR A 134 5.26 -2.52 7.41
N LEU A 135 6.44 -2.55 6.80
CA LEU A 135 7.63 -2.95 7.57
C LEU A 135 7.89 -1.95 8.68
N ALA A 136 7.64 -0.69 8.40
CA ALA A 136 7.90 0.35 9.44
C ALA A 136 6.90 0.24 10.57
N GLU A 137 5.70 -0.24 10.29
CA GLU A 137 4.69 -0.34 11.37
C GLU A 137 5.13 -1.30 12.46
N VAL A 138 5.97 -2.26 12.10
CA VAL A 138 6.46 -3.22 13.09
C VAL A 138 7.90 -3.04 13.48
N ALA A 139 8.62 -2.09 12.87
CA ALA A 139 10.05 -1.96 13.09
C ALA A 139 10.29 -1.30 14.45
N THR A 140 11.28 -1.81 15.18
CA THR A 140 11.57 -1.36 16.55
C THR A 140 13.07 -1.21 16.81
N GLY A 141 13.91 -1.58 15.85
CA GLY A 141 15.38 -1.62 16.06
C GLY A 141 16.26 -0.66 15.26
N ASP A 142 17.48 -1.14 14.95
CA ASP A 142 18.57 -0.36 14.31
C ASP A 142 18.21 0.19 12.95
N ASP A 143 17.40 -0.57 12.23
CA ASP A 143 17.05 -0.28 10.85
CA ASP A 143 17.11 -0.17 10.86
C ASP A 143 15.75 0.52 10.67
N LYS A 144 15.03 0.76 11.76
CA LYS A 144 13.76 1.46 11.65
C LYS A 144 13.89 2.77 10.86
N LYS A 145 14.91 3.60 11.14
CA LYS A 145 14.92 4.86 10.42
C LYS A 145 15.13 4.59 8.99
N ARG A 146 15.93 3.58 8.64
CA ARG A 146 16.24 3.39 7.23
C ARG A 146 15.00 2.83 6.54
N ILE A 147 14.26 1.99 7.25
CA ILE A 147 13.03 1.46 6.64
C ILE A 147 12.03 2.64 6.38
N ILE A 148 11.85 3.49 7.35
CA ILE A 148 11.01 4.69 7.17
C ILE A 148 11.49 5.50 6.00
N ASP A 149 12.81 5.69 5.90
CA ASP A 149 13.28 6.50 4.80
C ASP A 149 13.10 5.85 3.42
N SER A 150 13.15 4.52 3.38
CA SER A 150 12.88 3.80 2.15
CA SER A 150 12.88 3.83 2.13
C SER A 150 11.42 4.01 1.74
N ALA A 151 10.50 3.96 2.71
CA ALA A 151 9.10 4.19 2.38
C ALA A 151 8.98 5.64 1.83
N ARG A 152 9.58 6.57 2.55
CA ARG A 152 9.50 7.98 2.15
CA ARG A 152 9.51 7.99 2.16
C ARG A 152 10.04 8.18 0.73
N SER A 153 11.21 7.63 0.47
CA SER A 153 11.85 7.85 -0.82
CA SER A 153 11.88 7.82 -0.81
CA SER A 153 11.86 7.83 -0.81
C SER A 153 11.03 7.29 -1.97
N ALA A 154 10.44 6.11 -1.76
CA ALA A 154 9.61 5.53 -2.78
C ALA A 154 8.34 6.36 -3.03
N TYR A 155 7.65 6.77 -1.97
CA TYR A 155 6.45 7.62 -2.12
C TYR A 155 6.80 8.94 -2.77
N GLN A 156 7.95 9.48 -2.39
CA GLN A 156 8.36 10.78 -2.94
C GLN A 156 8.62 10.67 -4.40
N GLU A 157 9.30 9.61 -4.87
CA GLU A 157 9.56 9.49 -6.31
CA GLU A 157 9.55 9.44 -6.32
C GLU A 157 8.22 9.31 -7.05
N ALA A 158 7.33 8.51 -6.50
CA ALA A 158 5.98 8.36 -7.09
C ALA A 158 5.25 9.70 -7.09
N MET A 159 5.31 10.49 -6.01
CA MET A 159 4.67 11.82 -5.99
CA MET A 159 4.63 11.82 -6.04
C MET A 159 5.22 12.68 -7.13
N ASP A 160 6.54 12.66 -7.26
CA ASP A 160 7.17 13.59 -8.25
C ASP A 160 6.75 13.24 -9.65
N ILE A 161 6.72 11.93 -10.00
CA ILE A 161 6.29 11.54 -11.35
C ILE A 161 4.79 11.80 -11.52
N SER A 162 3.99 11.46 -10.50
CA SER A 162 2.56 11.62 -10.61
CA SER A 162 2.57 11.64 -10.61
C SER A 162 2.20 13.10 -10.83
N LYS A 163 2.86 13.99 -10.10
CA LYS A 163 2.59 15.42 -10.27
CA LYS A 163 2.53 15.39 -10.29
C LYS A 163 2.88 15.88 -11.71
N LYS A 164 3.92 15.37 -12.28
CA LYS A 164 4.35 15.83 -13.60
CA LYS A 164 4.39 15.81 -13.61
C LYS A 164 3.53 15.18 -14.70
N GLU A 165 3.15 13.92 -14.51
CA GLU A 165 2.62 13.12 -15.63
C GLU A 165 1.17 12.71 -15.55
N MET A 166 0.51 12.91 -14.43
CA MET A 166 -0.85 12.45 -14.29
C MET A 166 -1.75 13.59 -13.87
N PRO A 167 -3.03 13.56 -14.28
CA PRO A 167 -3.95 14.59 -13.80
C PRO A 167 -4.23 14.46 -12.31
N PRO A 168 -4.60 15.59 -11.66
CA PRO A 168 -4.80 15.58 -10.22
C PRO A 168 -5.92 14.65 -9.80
N THR A 169 -6.78 14.26 -10.74
CA THR A 169 -7.89 13.38 -10.38
CA THR A 169 -7.88 13.40 -10.38
C THR A 169 -7.56 11.91 -10.58
N HIS A 170 -6.36 11.61 -11.13
CA HIS A 170 -6.08 10.18 -11.42
C HIS A 170 -6.19 9.31 -10.13
N PRO A 171 -6.94 8.19 -10.14
CA PRO A 171 -7.07 7.42 -8.90
C PRO A 171 -5.72 7.00 -8.30
N ILE A 172 -4.73 6.76 -9.15
CA ILE A 172 -3.43 6.32 -8.65
CA ILE A 172 -3.39 6.33 -8.68
C ILE A 172 -2.78 7.47 -7.92
N ARG A 173 -2.86 8.66 -8.50
CA ARG A 173 -2.36 9.83 -7.80
C ARG A 173 -3.05 10.11 -6.49
N LEU A 174 -4.38 10.01 -6.50
CA LEU A 174 -5.13 10.24 -5.29
C LEU A 174 -4.78 9.15 -4.23
N GLY A 175 -4.71 7.91 -4.65
CA GLY A 175 -4.43 6.83 -3.66
C GLY A 175 -2.99 6.97 -3.12
N LEU A 176 -2.09 7.30 -3.99
CA LEU A 176 -0.73 7.55 -3.55
C LEU A 176 -0.67 8.64 -2.50
N ALA A 177 -1.36 9.75 -2.78
CA ALA A 177 -1.35 10.83 -1.82
C ALA A 177 -2.01 10.46 -0.54
N LEU A 178 -3.13 9.74 -0.62
CA LEU A 178 -3.78 9.24 0.60
C LEU A 178 -2.81 8.44 1.47
N ASN A 179 -2.09 7.51 0.84
CA ASN A 179 -1.19 6.66 1.62
C ASN A 179 0.05 7.38 2.11
N PHE A 180 0.61 8.25 1.27
CA PHE A 180 1.77 9.02 1.73
C PHE A 180 1.35 9.92 2.87
N SER A 181 0.09 10.43 2.85
CA SER A 181 -0.39 11.25 3.95
CA SER A 181 -0.34 11.26 3.96
C SER A 181 -0.52 10.42 5.23
N VAL A 182 -1.02 9.21 5.10
CA VAL A 182 -1.05 8.28 6.26
C VAL A 182 0.38 8.01 6.77
N PHE A 183 1.30 7.84 5.85
CA PHE A 183 2.70 7.59 6.24
C PHE A 183 3.14 8.80 7.10
N HIS A 184 2.89 10.00 6.58
CA HIS A 184 3.32 11.18 7.36
C HIS A 184 2.69 11.19 8.74
N TYR A 185 1.41 10.86 8.80
CA TYR A 185 0.66 11.02 10.05
C TYR A 185 1.14 10.00 11.06
N GLU A 186 1.24 8.75 10.64
CA GLU A 186 1.44 7.75 11.69
C GLU A 186 2.78 7.06 11.74
N ILE A 187 3.57 7.22 10.68
CA ILE A 187 4.90 6.62 10.64
C ILE A 187 5.94 7.69 10.90
N ALA A 188 5.86 8.83 10.20
CA ALA A 188 6.92 9.84 10.26
C ALA A 188 6.69 10.93 11.30
N ASN A 189 5.62 10.83 12.08
CA ASN A 189 5.32 11.80 13.16
C ASN A 189 5.24 13.22 12.56
N SER A 190 4.52 13.34 11.45
CA SER A 190 4.36 14.64 10.76
C SER A 190 2.89 14.85 10.46
N PRO A 191 2.06 14.93 11.49
CA PRO A 191 0.61 15.08 11.23
C PRO A 191 0.32 16.36 10.43
N GLU A 192 1.07 17.43 10.63
CA GLU A 192 0.84 18.61 9.80
C GLU A 192 1.03 18.40 8.32
N GLU A 193 2.11 17.73 7.96
CA GLU A 193 2.37 17.40 6.58
C GLU A 193 1.28 16.44 6.08
N ALA A 194 0.89 15.48 6.91
CA ALA A 194 -0.22 14.58 6.46
C ALA A 194 -1.49 15.31 6.13
N ILE A 195 -1.84 16.27 6.97
CA ILE A 195 -3.06 17.09 6.76
C ILE A 195 -2.93 17.97 5.54
N SER A 196 -1.81 18.66 5.44
CA SER A 196 -1.54 19.49 4.27
CA SER A 196 -1.53 19.50 4.29
CA SER A 196 -1.58 19.52 4.28
C SER A 196 -1.58 18.70 3.00
N LEU A 197 -0.94 17.54 2.99
CA LEU A 197 -1.01 16.77 1.76
C LEU A 197 -2.41 16.30 1.44
N ALA A 198 -3.16 15.79 2.40
CA ALA A 198 -4.54 15.33 2.07
C ALA A 198 -5.41 16.48 1.57
N LYS A 199 -5.26 17.66 2.19
CA LYS A 199 -6.08 18.85 1.80
CA LYS A 199 -6.08 18.82 1.82
C LYS A 199 -5.77 19.34 0.42
N THR A 200 -4.49 19.56 0.14
CA THR A 200 -4.06 20.01 -1.17
CA THR A 200 -4.11 20.03 -1.19
C THR A 200 -4.47 19.01 -2.25
N THR A 201 -4.30 17.74 -1.93
CA THR A 201 -4.66 16.73 -2.94
C THR A 201 -6.13 16.77 -3.21
N PHE A 202 -6.91 16.83 -2.14
CA PHE A 202 -8.39 16.82 -2.33
C PHE A 202 -8.78 18.07 -3.19
N ASP A 203 -8.22 19.22 -2.86
CA ASP A 203 -8.65 20.49 -3.47
C ASP A 203 -8.25 20.53 -4.90
N GLU A 204 -7.07 20.04 -5.23
CA GLU A 204 -6.62 20.05 -6.61
CA GLU A 204 -6.67 20.09 -6.61
C GLU A 204 -7.45 19.06 -7.44
N ALA A 205 -7.86 17.95 -6.80
CA ALA A 205 -8.71 17.06 -7.51
C ALA A 205 -10.09 17.69 -7.74
N MET A 206 -10.71 18.27 -6.71
CA MET A 206 -12.01 18.97 -6.88
C MET A 206 -12.01 19.87 -8.10
N ALA A 207 -10.93 20.65 -8.26
CA ALA A 207 -10.87 21.63 -9.33
C ALA A 207 -10.78 21.02 -10.70
N ASP A 208 -10.40 19.73 -10.83
CA ASP A 208 -10.25 19.07 -12.16
C ASP A 208 -11.43 18.10 -12.45
N LEU A 209 -12.37 17.95 -11.52
CA LEU A 209 -13.46 17.00 -11.71
C LEU A 209 -14.25 17.37 -13.00
N HIS A 210 -14.28 18.65 -13.31
CA HIS A 210 -15.12 19.12 -14.45
C HIS A 210 -14.68 18.55 -15.78
N THR A 211 -13.45 18.05 -15.84
CA THR A 211 -12.91 17.53 -17.10
C THR A 211 -13.34 16.10 -17.35
N LEU A 212 -14.00 15.48 -16.37
CA LEU A 212 -14.13 14.02 -16.34
C LEU A 212 -15.49 13.58 -16.88
N SER A 213 -15.51 12.41 -17.49
CA SER A 213 -16.74 11.63 -17.68
C SER A 213 -17.40 11.18 -16.36
N GLU A 214 -18.67 10.73 -16.45
CA GLU A 214 -19.40 10.29 -15.27
C GLU A 214 -18.65 9.13 -14.60
N ASP A 215 -18.16 8.18 -15.39
CA ASP A 215 -17.43 7.06 -14.75
C ASP A 215 -16.12 7.46 -14.12
N SER A 216 -15.36 8.34 -14.77
CA SER A 216 -14.11 8.78 -14.20
C SER A 216 -14.40 9.59 -12.95
N TYR A 217 -15.46 10.40 -13.01
CA TYR A 217 -15.85 11.21 -11.87
CA TYR A 217 -15.84 11.23 -11.87
C TYR A 217 -16.08 10.32 -10.66
N LYS A 218 -16.82 9.21 -10.85
CA LYS A 218 -17.14 8.32 -9.75
CA LYS A 218 -17.15 8.26 -9.78
C LYS A 218 -15.86 7.70 -9.21
N ASP A 219 -14.96 7.31 -10.12
CA ASP A 219 -13.69 6.72 -9.69
C ASP A 219 -12.88 7.65 -8.79
N SER A 220 -12.78 8.93 -9.20
CA SER A 220 -11.94 9.89 -8.50
C SER A 220 -12.61 10.30 -7.18
N THR A 221 -13.93 10.56 -7.24
CA THR A 221 -14.61 11.02 -6.02
C THR A 221 -14.55 9.94 -4.93
N LEU A 222 -14.52 8.68 -5.32
CA LEU A 222 -14.41 7.63 -4.29
C LEU A 222 -13.14 7.77 -3.43
N ILE A 223 -12.00 7.99 -4.06
CA ILE A 223 -10.74 8.10 -3.26
C ILE A 223 -10.68 9.46 -2.59
N MET A 224 -11.26 10.46 -3.24
CA MET A 224 -11.32 11.78 -2.60
C MET A 224 -12.07 11.67 -1.27
N GLN A 225 -13.12 10.85 -1.24
CA GLN A 225 -13.85 10.69 0.00
C GLN A 225 -12.99 10.04 1.08
N LEU A 226 -12.07 9.16 0.70
CA LEU A 226 -11.12 8.65 1.66
C LEU A 226 -10.22 9.75 2.20
N LEU A 227 -9.74 10.69 1.34
CA LEU A 227 -8.96 11.82 1.83
C LEU A 227 -9.77 12.62 2.81
N ARG A 228 -11.05 12.83 2.49
CA ARG A 228 -11.89 13.60 3.39
CA ARG A 228 -11.91 13.58 3.37
C ARG A 228 -12.12 12.86 4.70
N ASP A 229 -12.24 11.54 4.66
CA ASP A 229 -12.48 10.80 5.89
C ASP A 229 -11.29 10.99 6.81
N ASN A 230 -10.07 10.95 6.25
CA ASN A 230 -8.90 11.17 7.11
C ASN A 230 -8.85 12.58 7.62
N LEU A 231 -9.13 13.56 6.78
CA LEU A 231 -9.08 14.95 7.26
C LEU A 231 -10.08 15.14 8.37
N THR A 232 -11.21 14.49 8.26
CA THR A 232 -12.22 14.60 9.31
CA THR A 232 -12.22 14.64 9.32
C THR A 232 -11.77 13.97 10.61
N LEU A 233 -11.08 12.85 10.48
CA LEU A 233 -10.58 12.16 11.65
C LEU A 233 -9.46 12.98 12.34
N TRP A 234 -8.65 13.67 11.55
CA TRP A 234 -7.41 14.25 12.06
C TRP A 234 -7.55 15.73 12.44
N THR A 235 -8.70 16.32 12.14
CA THR A 235 -8.85 17.76 12.39
C THR A 235 -10.12 18.05 13.16
N LYS B 1 -13.17 4.19 14.38
CA LYS B 1 -12.97 4.72 12.99
C LYS B 1 -11.46 4.75 12.69
N ARG B 2 -11.01 3.86 11.83
CA ARG B 2 -9.56 3.77 11.55
C ARG B 2 -9.30 4.58 10.26
N ARG B 3 -8.17 5.28 10.19
CA ARG B 3 -7.86 6.12 9.04
C ARG B 3 -7.81 5.25 7.77
N LYS B 4 -8.03 5.88 6.63
CA LYS B 4 -8.21 5.14 5.39
C LYS B 4 -6.90 5.05 4.66
N SEP B 5 -6.64 3.88 4.05
CA SEP B 5 -5.57 3.79 3.06
CB SEP B 5 -4.29 3.14 3.63
OG SEP B 5 -4.66 1.87 4.10
C SEP B 5 -6.13 2.97 1.93
O SEP B 5 -7.28 2.43 2.01
P SEP B 5 -3.43 0.89 4.50
O1P SEP B 5 -2.46 0.82 3.29
O2P SEP B 5 -4.20 -0.49 4.82
O3P SEP B 5 -2.74 1.47 5.69
N VAL B 6 -5.42 2.91 0.80
CA VAL B 6 -6.01 2.25 -0.38
C VAL B 6 -4.99 1.53 -1.16
CAA CX7 C . -6.46 2.40 -8.30
CAB CX7 C . -6.22 2.41 -6.76
CAC CX7 C . -5.37 1.19 -6.34
CAD CX7 C . -5.88 -0.15 -6.07
CAE CX7 C . -7.11 -0.81 -6.59
CAF CX7 C . -8.21 0.13 -7.08
CAG CX7 C . -8.25 0.56 -8.51
CAH CX7 C . -7.90 2.06 -8.70
CAI CX7 C . -5.36 3.60 -6.34
CAJ CX7 C . -3.90 3.07 -6.26
CAK CX7 C . -4.13 1.70 -5.65
CAL CX7 C . -7.68 -1.41 -5.31
CAM CX7 C . -8.66 -0.34 -4.81
CAN CX7 C . -9.04 0.37 -6.07
CAO CX7 C . -6.63 -1.91 -7.59
CAP CX7 C . -2.96 0.72 -5.96
CAQ CX7 C . -5.35 1.58 -9.09
OAR CX7 C . -8.13 2.33 -10.12
OAS CX7 C . -9.55 0.19 -8.99
OAT CX7 C . -4.18 1.94 -4.23
OAU CX7 C . -1.75 1.34 -5.50
CAV CX7 C . -10.33 1.08 -5.83
CAW CX7 C . -11.60 0.34 -6.26
CAX CX7 C . -10.25 2.51 -5.38
CAY CX7 C . -0.58 0.53 -5.77
MG MG D . 8.42 -0.97 -20.18
MG MG E . -1.84 -10.66 40.29
#